data_7A1P
#
_entry.id   7A1P
#
_cell.length_a   85.945
_cell.length_b   85.945
_cell.length_c   147.628
_cell.angle_alpha   90.000
_cell.angle_beta   90.000
_cell.angle_gamma   90.000
#
_symmetry.space_group_name_H-M   'P 41 21 2'
#
loop_
_entity.id
_entity.type
_entity.pdbx_description
1 polymer 'Hypoxia-inducible factor 1-alpha inhibitor'
2 polymer 'CONSENSUS ANKYRIN REPEAT DOMAIN'
3 non-polymer 'ZINC ION'
4 non-polymer 'SULFATE ION'
5 non-polymer '(4~{S})-2-oxidanylidene-4-propyl-pentanedioic acid'
6 water water
#
loop_
_entity_poly.entity_id
_entity_poly.type
_entity_poly.pdbx_seq_one_letter_code
_entity_poly.pdbx_strand_id
1 'polypeptide(L)'
;MAATAAEAVASGSGEPREEAGALGPAWDESQLRSYSFPTRPIPRLSQSDPRAEELIENEEPVVLTDTNLVYPALKWDLEY
LQENIGNGDFSVYSASTHKFLYYDEKKMANFQNFKPRSNREEMKFHEFVEKLQDIQQRGGEERLYLQQTLNDTVGRKIVM
DFLGFNWNWINKQQGKRGWGQLTSNLLLIGMEGNVTPAHYDEQQNFFAQIKGYKRCILFPPDQFECLYPYPVHHPCDRQS
QVDFDNPDYERFPNFQNVVGYETVVGPGDVLYIPMYWWHHIESLLNGGITITVNFWYKGAPTPKRIEYPLKAHQKVAIMR
NIEKMLGEALGNPQEVGPLLNTMIKGRYN
;
A
2 'polypeptide(L)' HLEVVKLLLEAGADVNAQDK B
#
loop_
_chem_comp.id
_chem_comp.type
_chem_comp.name
_chem_comp.formula
QW2 non-polymer '(4~{S})-2-oxidanylidene-4-propyl-pentanedioic acid' 'C8 H12 O5'
SO4 non-polymer 'SULFATE ION' 'O4 S -2'
ZN non-polymer 'ZINC ION' 'Zn 2'
#
# COMPACT_ATOMS: atom_id res chain seq x y z
N GLY A 12 -2.47 -14.92 13.42
CA GLY A 12 -3.13 -15.38 12.22
C GLY A 12 -4.18 -14.41 11.71
N SER A 13 -4.79 -14.77 10.56
CA SER A 13 -5.74 -13.95 9.82
C SER A 13 -7.19 -14.18 10.22
N GLY A 14 -7.46 -15.25 10.95
CA GLY A 14 -8.80 -15.79 11.11
C GLY A 14 -9.02 -16.97 10.17
N GLU A 15 -9.88 -17.88 10.58
CA GLU A 15 -10.12 -19.08 9.80
C GLU A 15 -10.44 -18.71 8.35
N PRO A 16 -9.94 -19.45 7.37
CA PRO A 16 -10.35 -19.21 5.98
C PRO A 16 -11.86 -19.25 5.83
N ARG A 17 -12.40 -18.24 5.17
CA ARG A 17 -13.85 -18.19 4.92
C ARG A 17 -14.28 -19.32 3.98
N GLU A 18 -15.40 -19.96 4.33
CA GLU A 18 -16.01 -20.98 3.49
C GLU A 18 -16.89 -20.31 2.42
N GLU A 19 -16.63 -20.64 1.16
CA GLU A 19 -17.35 -19.99 0.06
C GLU A 19 -18.73 -20.61 -0.12
N ALA A 20 -19.67 -19.78 -0.52
CA ALA A 20 -21.06 -20.19 -0.67
C ALA A 20 -21.22 -21.26 -1.76
N GLY A 21 -22.31 -22.00 -1.69
CA GLY A 21 -22.50 -23.15 -2.55
C GLY A 21 -21.63 -24.34 -2.19
N ALA A 22 -21.11 -24.37 -0.95
CA ALA A 22 -20.29 -25.48 -0.46
C ALA A 22 -19.02 -25.64 -1.27
N LEU A 23 -18.48 -24.54 -1.81
CA LEU A 23 -17.30 -24.61 -2.66
C LEU A 23 -16.01 -24.74 -1.86
N GLY A 24 -16.09 -24.85 -0.54
CA GLY A 24 -14.94 -25.17 0.28
C GLY A 24 -14.17 -23.92 0.66
N PRO A 25 -13.08 -24.11 1.41
CA PRO A 25 -12.26 -22.95 1.80
C PRO A 25 -11.73 -22.26 0.55
N ALA A 26 -11.91 -20.95 0.53
CA ALA A 26 -11.34 -20.13 -0.53
C ALA A 26 -9.82 -20.33 -0.62
N TRP A 27 -9.16 -20.44 0.53
CA TRP A 27 -7.71 -20.55 0.57
C TRP A 27 -7.35 -21.34 1.81
N ASP A 28 -6.07 -21.66 1.95
CA ASP A 28 -5.61 -22.34 3.15
C ASP A 28 -4.29 -21.74 3.60
N GLU A 29 -3.93 -22.03 4.85
CA GLU A 29 -2.79 -21.38 5.46
C GLU A 29 -1.47 -21.75 4.79
N SER A 30 -1.40 -22.89 4.10
CA SER A 30 -0.18 -23.23 3.37
C SER A 30 0.13 -22.22 2.27
N GLN A 31 -0.85 -21.39 1.86
CA GLN A 31 -0.63 -20.38 0.85
C GLN A 31 -0.08 -19.08 1.42
N LEU A 32 0.19 -19.02 2.72
CA LEU A 32 0.70 -17.80 3.35
C LEU A 32 2.19 -17.95 3.60
N ARG A 33 2.93 -16.87 3.37
CA ARG A 33 4.36 -16.86 3.70
C ARG A 33 4.57 -16.82 5.21
N SER A 34 5.73 -17.30 5.63
CA SER A 34 6.08 -17.44 7.04
C SER A 34 6.92 -16.24 7.49
N TYR A 35 6.52 -15.60 8.59
CA TYR A 35 7.24 -14.44 9.11
C TYR A 35 7.49 -14.59 10.61
N SER A 36 8.31 -13.67 11.14
CA SER A 36 8.85 -13.75 12.48
C SER A 36 7.94 -13.17 13.58
N PHE A 37 6.88 -12.46 13.22
CA PHE A 37 6.12 -11.69 14.20
C PHE A 37 4.72 -12.23 14.37
N PRO A 38 4.08 -11.98 15.51
CA PRO A 38 2.69 -12.39 15.69
C PRO A 38 1.75 -11.38 15.08
N THR A 39 0.51 -11.83 14.86
CA THR A 39 -0.52 -10.95 14.36
C THR A 39 -1.83 -11.27 15.06
N ARG A 40 -2.77 -10.36 14.94
CA ARG A 40 -4.15 -10.60 15.32
C ARG A 40 -5.03 -10.13 14.17
N PRO A 41 -6.26 -10.62 14.09
CA PRO A 41 -7.07 -10.38 12.89
C PRO A 41 -7.69 -8.99 12.84
N ILE A 42 -7.73 -8.42 11.63
CA ILE A 42 -8.54 -7.23 11.36
C ILE A 42 -10.03 -7.63 11.35
N PRO A 43 -10.91 -6.87 11.98
CA PRO A 43 -12.34 -7.25 11.97
C PRO A 43 -12.90 -7.28 10.54
N ARG A 44 -13.76 -8.28 10.26
CA ARG A 44 -14.51 -8.37 9.02
C ARG A 44 -15.98 -8.10 9.36
N LEU A 45 -16.54 -7.02 8.82
CA LEU A 45 -17.84 -6.53 9.27
C LEU A 45 -18.66 -6.11 8.05
N SER A 46 -19.98 -6.08 8.24
CA SER A 46 -20.87 -5.40 7.30
C SER A 46 -20.68 -3.90 7.36
N GLN A 47 -20.82 -3.25 6.20
CA GLN A 47 -20.75 -1.80 6.16
C GLN A 47 -21.86 -1.15 6.97
N SER A 48 -22.94 -1.88 7.26
CA SER A 48 -24.01 -1.36 8.10
C SER A 48 -23.73 -1.56 9.59
N ASP A 49 -22.61 -2.19 9.95
CA ASP A 49 -22.33 -2.49 11.36
C ASP A 49 -21.77 -1.24 12.02
N PRO A 50 -22.37 -0.75 13.11
CA PRO A 50 -21.83 0.49 13.71
C PRO A 50 -20.40 0.36 14.14
N ARG A 51 -19.93 -0.86 14.45
CA ARG A 51 -18.51 -1.03 14.77
C ARG A 51 -17.62 -0.71 13.58
N ALA A 52 -18.11 -0.97 12.36
CA ALA A 52 -17.33 -0.63 11.18
C ALA A 52 -17.16 0.87 11.07
N GLU A 53 -18.23 1.62 11.32
CA GLU A 53 -18.12 3.08 11.25
C GLU A 53 -17.22 3.60 12.35
N GLU A 54 -17.26 2.97 13.52
CA GLU A 54 -16.41 3.36 14.64
C GLU A 54 -14.93 3.19 14.29
N LEU A 55 -14.57 2.06 13.68
CA LEU A 55 -13.18 1.85 13.28
C LEU A 55 -12.73 2.89 12.28
N ILE A 56 -13.53 3.13 11.23
CA ILE A 56 -13.11 4.10 10.21
C ILE A 56 -12.95 5.48 10.84
N GLU A 57 -13.91 5.88 11.67
CA GLU A 57 -13.84 7.19 12.31
C GLU A 57 -12.57 7.33 13.17
N ASN A 58 -12.16 6.23 13.80
CA ASN A 58 -10.96 6.26 14.65
C ASN A 58 -9.70 5.94 13.87
N GLU A 59 -9.77 5.87 12.54
CA GLU A 59 -8.60 5.61 11.70
C GLU A 59 -7.93 4.31 12.09
N GLU A 60 -8.76 3.27 12.21
CA GLU A 60 -8.31 1.91 12.42
C GLU A 60 -8.81 1.04 11.27
N PRO A 61 -8.06 0.01 10.89
CA PRO A 61 -8.46 -0.80 9.73
C PRO A 61 -9.66 -1.69 10.01
N VAL A 62 -10.42 -1.94 8.95
CA VAL A 62 -11.58 -2.81 8.98
C VAL A 62 -11.74 -3.38 7.57
N VAL A 63 -12.15 -4.63 7.47
CA VAL A 63 -12.59 -5.19 6.20
C VAL A 63 -14.11 -5.12 6.15
N LEU A 64 -14.63 -4.43 5.13
CA LEU A 64 -16.05 -4.35 4.83
C LEU A 64 -16.39 -5.39 3.79
N THR A 65 -17.37 -6.24 4.08
CA THR A 65 -17.63 -7.38 3.21
C THR A 65 -18.71 -7.12 2.17
N ASP A 66 -19.48 -6.04 2.31
CA ASP A 66 -20.71 -5.91 1.51
C ASP A 66 -20.92 -4.48 1.03
N THR A 67 -19.84 -3.76 0.70
CA THR A 67 -20.04 -2.40 0.20
C THR A 67 -20.55 -2.33 -1.24
N ASN A 68 -20.32 -3.36 -2.05
CA ASN A 68 -20.54 -3.31 -3.51
C ASN A 68 -19.76 -2.18 -4.17
N LEU A 69 -18.66 -1.79 -3.52
CA LEU A 69 -17.88 -0.67 -4.03
C LEU A 69 -17.43 -0.89 -5.47
N VAL A 70 -16.90 -2.07 -5.80
CA VAL A 70 -16.49 -2.31 -7.19
C VAL A 70 -17.27 -3.47 -7.78
N TYR A 71 -18.55 -3.54 -7.46
CA TYR A 71 -19.38 -4.65 -7.93
C TYR A 71 -19.25 -4.87 -9.44
N PRO A 72 -19.33 -3.86 -10.29
CA PRO A 72 -19.21 -4.10 -11.74
C PRO A 72 -17.84 -4.61 -12.16
N ALA A 73 -16.81 -4.47 -11.32
CA ALA A 73 -15.49 -4.99 -11.67
C ALA A 73 -15.29 -6.45 -11.30
N LEU A 74 -16.22 -7.05 -10.56
CA LEU A 74 -15.99 -8.42 -10.09
C LEU A 74 -15.98 -9.43 -11.23
N LYS A 75 -16.51 -9.06 -12.40
CA LYS A 75 -16.41 -9.89 -13.59
C LYS A 75 -15.10 -9.67 -14.35
N TRP A 76 -14.23 -8.79 -13.88
CA TRP A 76 -13.01 -8.50 -14.62
C TRP A 76 -12.05 -9.68 -14.58
N ASP A 77 -11.50 -10.03 -15.75
CA ASP A 77 -10.37 -10.94 -15.86
C ASP A 77 -9.50 -10.42 -17.00
N LEU A 78 -8.39 -11.11 -17.28
CA LEU A 78 -7.46 -10.60 -18.29
C LEU A 78 -8.12 -10.51 -19.66
N GLU A 79 -9.00 -11.45 -20.00
CA GLU A 79 -9.62 -11.40 -21.32
C GLU A 79 -10.58 -10.22 -21.42
N TYR A 80 -11.43 -10.03 -20.42
CA TYR A 80 -12.32 -8.88 -20.44
C TYR A 80 -11.56 -7.56 -20.44
N LEU A 81 -10.50 -7.45 -19.64
CA LEU A 81 -9.75 -6.20 -19.57
C LEU A 81 -9.04 -5.91 -20.89
N GLN A 82 -8.40 -6.94 -21.44
CA GLN A 82 -7.72 -6.79 -22.72
C GLN A 82 -8.68 -6.31 -23.81
N GLU A 83 -9.88 -6.88 -23.85
CA GLU A 83 -10.85 -6.50 -24.88
C GLU A 83 -11.35 -5.06 -24.71
N ASN A 84 -11.34 -4.52 -23.49
CA ASN A 84 -12.08 -3.29 -23.20
C ASN A 84 -11.28 -2.16 -22.59
N ILE A 85 -10.07 -2.41 -22.09
CA ILE A 85 -9.44 -1.35 -21.31
C ILE A 85 -8.72 -0.35 -22.20
N GLY A 86 -8.66 -0.59 -23.50
CA GLY A 86 -8.15 0.40 -24.43
C GLY A 86 -6.69 0.20 -24.75
N ASN A 87 -6.13 1.19 -25.45
CA ASN A 87 -4.76 1.12 -25.94
C ASN A 87 -3.83 2.13 -25.29
N GLY A 88 -4.11 2.51 -24.05
CA GLY A 88 -3.16 3.32 -23.31
C GLY A 88 -1.96 2.53 -22.83
N ASP A 89 -0.95 3.25 -22.32
CA ASP A 89 0.21 2.62 -21.71
C ASP A 89 -0.11 2.18 -20.28
N PHE A 90 0.43 1.03 -19.89
CA PHE A 90 0.33 0.52 -18.53
C PHE A 90 1.74 0.30 -17.98
N SER A 91 1.99 0.78 -16.77
CA SER A 91 3.24 0.50 -16.06
C SER A 91 3.24 -0.93 -15.55
N VAL A 92 4.24 -1.71 -15.95
CA VAL A 92 4.40 -3.10 -15.55
C VAL A 92 5.77 -3.25 -14.94
N TYR A 93 5.83 -3.62 -13.67
CA TYR A 93 7.10 -3.84 -13.01
C TYR A 93 7.54 -5.27 -13.25
N SER A 94 8.83 -5.46 -13.43
CA SER A 94 9.44 -6.77 -13.59
C SER A 94 10.48 -6.96 -12.50
N ALA A 95 10.54 -8.18 -11.95
CA ALA A 95 11.53 -8.51 -10.93
C ALA A 95 11.88 -9.98 -11.02
N SER A 96 13.08 -10.31 -10.55
CA SER A 96 13.53 -11.68 -10.40
C SER A 96 13.38 -12.18 -8.96
N THR A 97 12.71 -11.39 -8.11
CA THR A 97 12.35 -11.76 -6.75
C THR A 97 10.84 -11.59 -6.59
N HIS A 98 10.28 -12.20 -5.54
CA HIS A 98 8.86 -12.01 -5.24
C HIS A 98 8.57 -10.64 -4.66
N LYS A 99 9.58 -9.95 -4.16
CA LYS A 99 9.40 -8.66 -3.51
C LYS A 99 9.41 -7.54 -4.55
N PHE A 100 8.33 -6.75 -4.59
CA PHE A 100 8.25 -5.57 -5.45
C PHE A 100 8.33 -4.31 -4.57
N LEU A 101 9.54 -4.06 -4.09
CA LEU A 101 9.81 -2.91 -3.24
C LEU A 101 9.64 -1.62 -4.05
N TYR A 102 8.79 -0.74 -3.58
CA TYR A 102 8.57 0.53 -4.27
C TYR A 102 9.80 1.43 -4.13
N TYR A 103 10.14 2.11 -5.21
CA TYR A 103 11.09 3.20 -5.10
C TYR A 103 10.73 4.34 -6.04
N ASP A 104 11.12 5.53 -5.65
CA ASP A 104 10.85 6.73 -6.44
C ASP A 104 12.01 6.96 -7.39
N GLU A 105 11.76 6.84 -8.70
CA GLU A 105 12.82 7.02 -9.68
C GLU A 105 13.44 8.40 -9.57
N LYS A 106 12.66 9.39 -9.16
CA LYS A 106 13.13 10.77 -9.12
C LYS A 106 14.13 11.02 -8.00
N LYS A 107 14.24 10.12 -7.03
CA LYS A 107 15.20 10.28 -5.95
C LYS A 107 16.48 9.49 -6.17
N MET A 108 16.58 8.72 -7.25
CA MET A 108 17.74 7.88 -7.45
C MET A 108 19.01 8.71 -7.62
N ALA A 109 18.90 9.91 -8.16
CA ALA A 109 20.07 10.79 -8.25
C ALA A 109 20.72 11.01 -6.89
N ASN A 110 19.90 11.13 -5.82
CA ASN A 110 20.44 11.36 -4.48
C ASN A 110 21.27 10.18 -3.98
N PHE A 111 21.00 8.96 -4.48
CA PHE A 111 21.58 7.73 -3.93
C PHE A 111 21.98 6.87 -5.13
N GLN A 112 23.13 7.20 -5.73
CA GLN A 112 23.53 6.51 -6.95
C GLN A 112 24.02 5.09 -6.70
N ASN A 113 24.25 4.71 -5.45
CA ASN A 113 24.60 3.33 -5.14
C ASN A 113 23.38 2.45 -4.92
N PHE A 114 22.17 2.98 -5.06
CA PHE A 114 20.95 2.19 -4.93
C PHE A 114 20.66 1.49 -6.25
N LYS A 115 20.63 0.16 -6.23
CA LYS A 115 20.42 -0.63 -7.43
C LYS A 115 19.07 -1.32 -7.31
N PRO A 116 18.02 -0.84 -7.98
CA PRO A 116 16.70 -1.42 -7.77
C PRO A 116 16.63 -2.85 -8.29
N ARG A 117 15.85 -3.66 -7.59
CA ARG A 117 15.62 -5.06 -7.92
C ARG A 117 14.39 -5.24 -8.79
N SER A 118 13.64 -4.18 -9.03
CA SER A 118 12.52 -4.20 -9.97
C SER A 118 12.71 -3.06 -10.96
N ASN A 119 12.20 -3.27 -12.16
CA ASN A 119 12.30 -2.29 -13.24
C ASN A 119 10.91 -2.05 -13.82
N ARG A 120 10.67 -0.82 -14.24
CA ARG A 120 9.38 -0.41 -14.81
C ARG A 120 9.44 -0.42 -16.32
N GLU A 121 8.46 -1.06 -16.95
CA GLU A 121 8.32 -1.04 -18.40
C GLU A 121 6.90 -0.62 -18.75
N GLU A 122 6.80 0.33 -19.66
CA GLU A 122 5.51 0.77 -20.21
C GLU A 122 5.11 -0.11 -21.38
N MET A 123 3.88 -0.64 -21.34
CA MET A 123 3.43 -1.47 -22.45
C MET A 123 1.91 -1.40 -22.58
N LYS A 124 1.41 -1.91 -23.70
CA LYS A 124 -0.01 -2.04 -23.89
C LYS A 124 -0.52 -3.25 -23.11
N PHE A 125 -1.81 -3.24 -22.81
CA PHE A 125 -2.35 -4.29 -21.95
C PHE A 125 -2.16 -5.65 -22.60
N HIS A 126 -2.40 -5.77 -23.91
CA HIS A 126 -2.24 -7.06 -24.57
C HIS A 126 -0.78 -7.51 -24.50
N GLU A 127 0.18 -6.59 -24.46
CA GLU A 127 1.57 -6.98 -24.29
C GLU A 127 1.83 -7.51 -22.89
N PHE A 128 1.12 -6.98 -21.90
CA PHE A 128 1.26 -7.52 -20.55
C PHE A 128 0.70 -8.94 -20.49
N VAL A 129 -0.46 -9.16 -21.11
CA VAL A 129 -1.07 -10.49 -21.11
C VAL A 129 -0.15 -11.49 -21.83
N GLU A 130 0.38 -11.08 -22.99
CA GLU A 130 1.31 -11.95 -23.73
C GLU A 130 2.56 -12.26 -22.91
N LYS A 131 3.16 -11.24 -22.27
CA LYS A 131 4.37 -11.49 -21.50
C LYS A 131 4.08 -12.46 -20.34
N LEU A 132 2.95 -12.25 -19.66
CA LEU A 132 2.52 -13.19 -18.63
C LEU A 132 2.41 -14.61 -19.16
N GLN A 133 1.83 -14.78 -20.35
CA GLN A 133 1.70 -16.12 -20.92
C GLN A 133 3.04 -16.70 -21.34
N ASP A 134 3.92 -15.88 -21.91
N ASP A 134 3.93 -15.88 -21.90
CA ASP A 134 5.28 -16.34 -22.21
CA ASP A 134 5.27 -16.37 -22.21
C ASP A 134 5.93 -16.93 -20.96
C ASP A 134 5.93 -16.93 -20.96
N ILE A 135 5.86 -16.20 -19.85
CA ILE A 135 6.51 -16.65 -18.63
C ILE A 135 5.90 -17.97 -18.14
N GLN A 136 4.57 -18.05 -18.10
CA GLN A 136 3.94 -19.28 -17.62
C GLN A 136 4.27 -20.46 -18.53
N GLN A 137 4.45 -20.22 -19.83
CA GLN A 137 4.72 -21.30 -20.77
C GLN A 137 6.13 -21.87 -20.58
N ARG A 138 7.13 -21.00 -20.46
CA ARG A 138 8.50 -21.47 -20.30
C ARG A 138 8.84 -21.84 -18.86
N GLY A 139 7.88 -21.75 -17.94
CA GLY A 139 8.20 -21.94 -16.54
C GLY A 139 9.28 -21.01 -16.04
N GLY A 140 9.36 -19.80 -16.59
CA GLY A 140 10.34 -18.86 -16.13
C GLY A 140 10.08 -18.39 -14.71
N GLU A 141 11.11 -17.81 -14.10
CA GLU A 141 11.00 -17.26 -12.76
C GLU A 141 10.73 -15.76 -12.74
N GLU A 142 10.74 -15.09 -13.89
CA GLU A 142 10.45 -13.66 -13.91
C GLU A 142 9.05 -13.40 -13.34
N ARG A 143 8.91 -12.30 -12.63
CA ARG A 143 7.63 -11.90 -12.08
C ARG A 143 7.23 -10.53 -12.61
N LEU A 144 5.93 -10.36 -12.86
CA LEU A 144 5.38 -9.08 -13.29
C LEU A 144 4.38 -8.57 -12.27
N TYR A 145 4.30 -7.25 -12.16
CA TYR A 145 3.25 -6.61 -11.36
C TYR A 145 2.80 -5.37 -12.13
N LEU A 146 1.60 -5.40 -12.68
CA LEU A 146 1.03 -4.22 -13.34
C LEU A 146 0.46 -3.31 -12.27
N GLN A 147 0.85 -2.04 -12.32
CA GLN A 147 0.43 -1.04 -11.34
C GLN A 147 0.20 0.25 -12.12
N GLN A 148 -1.06 0.59 -12.39
CA GLN A 148 -1.36 1.68 -13.31
C GLN A 148 -2.59 2.45 -12.82
N THR A 149 -2.47 3.76 -12.67
CA THR A 149 -3.65 4.55 -12.35
C THR A 149 -4.63 4.55 -13.53
N LEU A 150 -5.91 4.39 -13.20
CA LEU A 150 -6.96 4.47 -14.22
C LEU A 150 -7.12 5.91 -14.70
N ASN A 151 -7.30 6.07 -16.01
CA ASN A 151 -7.35 7.39 -16.63
C ASN A 151 -8.34 7.36 -17.80
N ASP A 152 -8.35 8.46 -18.58
CA ASP A 152 -9.29 8.71 -19.66
C ASP A 152 -9.14 7.78 -20.86
N THR A 153 -8.03 7.06 -20.97
CA THR A 153 -7.83 6.25 -22.16
C THR A 153 -8.59 4.95 -22.13
N VAL A 154 -9.25 4.62 -21.01
CA VAL A 154 -9.87 3.31 -20.92
C VAL A 154 -11.09 3.28 -21.83
N GLY A 155 -11.38 2.09 -22.35
CA GLY A 155 -12.46 1.93 -23.27
C GLY A 155 -13.82 2.04 -22.61
N ARG A 156 -14.82 1.96 -23.50
CA ARG A 156 -16.20 2.32 -23.18
C ARG A 156 -16.75 1.47 -22.05
N LYS A 157 -16.53 0.15 -22.11
CA LYS A 157 -17.12 -0.72 -21.11
C LYS A 157 -16.47 -0.55 -19.76
N ILE A 158 -15.18 -0.18 -19.72
CA ILE A 158 -14.53 0.07 -18.44
C ILE A 158 -15.06 1.36 -17.84
N VAL A 159 -15.28 2.38 -18.67
CA VAL A 159 -15.93 3.60 -18.20
C VAL A 159 -17.26 3.28 -17.54
N MET A 160 -18.09 2.47 -18.21
CA MET A 160 -19.40 2.14 -17.64
C MET A 160 -19.25 1.37 -16.33
N ASP A 161 -18.31 0.42 -16.28
CA ASP A 161 -18.05 -0.30 -15.04
C ASP A 161 -17.64 0.66 -13.92
N PHE A 162 -16.69 1.55 -14.22
CA PHE A 162 -16.23 2.54 -13.26
C PHE A 162 -17.37 3.41 -12.76
N LEU A 163 -18.22 3.91 -13.68
CA LEU A 163 -19.37 4.72 -13.29
C LEU A 163 -20.30 3.95 -12.34
N GLY A 164 -20.34 2.64 -12.50
CA GLY A 164 -21.13 1.74 -11.67
C GLY A 164 -20.52 1.39 -10.32
N PHE A 165 -19.37 1.93 -9.95
CA PHE A 165 -18.88 1.72 -8.59
C PHE A 165 -19.84 2.39 -7.60
N ASN A 166 -19.76 2.00 -6.33
CA ASN A 166 -20.67 2.56 -5.32
C ASN A 166 -20.16 3.93 -4.84
N TRP A 167 -20.32 4.93 -5.74
CA TRP A 167 -19.92 6.29 -5.39
C TRP A 167 -20.78 6.86 -4.27
N ASN A 168 -22.04 6.46 -4.19
CA ASN A 168 -22.88 6.92 -3.10
C ASN A 168 -22.24 6.58 -1.76
N TRP A 169 -21.80 5.32 -1.60
CA TRP A 169 -21.24 4.90 -0.32
C TRP A 169 -19.90 5.59 -0.05
N ILE A 170 -19.01 5.61 -1.02
CA ILE A 170 -17.68 6.12 -0.72
C ILE A 170 -17.65 7.65 -0.68
N ASN A 171 -18.49 8.32 -1.46
CA ASN A 171 -18.64 9.78 -1.35
C ASN A 171 -19.08 10.18 0.06
N LYS A 172 -20.00 9.41 0.65
CA LYS A 172 -20.41 9.73 2.02
C LYS A 172 -19.27 9.51 3.00
N GLN A 173 -18.44 8.50 2.77
CA GLN A 173 -17.28 8.30 3.65
C GLN A 173 -16.34 9.49 3.57
N GLN A 174 -15.99 9.90 2.37
CA GLN A 174 -15.13 11.06 2.17
C GLN A 174 -15.69 12.27 2.91
N GLY A 175 -16.99 12.53 2.74
CA GLY A 175 -17.62 13.68 3.37
C GLY A 175 -17.62 13.59 4.89
N LYS A 176 -18.03 12.43 5.42
CA LYS A 176 -18.11 12.26 6.87
C LYS A 176 -16.75 12.34 7.54
N ARG A 177 -15.70 11.84 6.89
CA ARG A 177 -14.37 11.90 7.48
C ARG A 177 -13.63 13.20 7.22
N GLY A 178 -14.18 14.12 6.43
CA GLY A 178 -13.48 15.36 6.16
C GLY A 178 -12.31 15.22 5.21
N TRP A 179 -12.26 14.13 4.46
CA TRP A 179 -11.12 13.91 3.60
C TRP A 179 -11.11 14.89 2.45
N GLY A 180 -9.96 15.05 1.82
CA GLY A 180 -9.87 15.79 0.58
C GLY A 180 -10.25 14.94 -0.62
N GLN A 181 -9.73 15.32 -1.78
CA GLN A 181 -10.13 14.74 -3.05
C GLN A 181 -9.63 13.32 -3.22
N LEU A 182 -10.41 12.54 -3.97
CA LEU A 182 -9.90 11.30 -4.58
C LEU A 182 -8.79 11.68 -5.54
N THR A 183 -7.57 11.21 -5.30
CA THR A 183 -6.48 11.59 -6.19
C THR A 183 -6.28 10.58 -7.30
N SER A 184 -6.53 9.30 -7.07
CA SER A 184 -6.37 8.32 -8.12
C SER A 184 -6.95 6.98 -7.68
N ASN A 185 -7.14 6.11 -8.66
CA ASN A 185 -7.47 4.70 -8.48
C ASN A 185 -6.36 3.90 -9.16
N LEU A 186 -5.61 3.14 -8.38
CA LEU A 186 -4.53 2.30 -8.92
C LEU A 186 -5.10 0.92 -9.25
N LEU A 187 -5.00 0.51 -10.51
CA LEU A 187 -5.28 -0.86 -10.92
C LEU A 187 -4.06 -1.72 -10.65
N LEU A 188 -4.25 -2.83 -9.94
CA LEU A 188 -3.17 -3.68 -9.51
C LEU A 188 -3.44 -5.09 -10.01
N ILE A 189 -2.56 -5.62 -10.87
CA ILE A 189 -2.70 -7.00 -11.33
C ILE A 189 -1.38 -7.72 -11.07
N GLY A 190 -1.41 -8.68 -10.15
CA GLY A 190 -0.19 -9.36 -9.74
C GLY A 190 -0.20 -10.85 -9.99
N MET A 191 0.99 -11.43 -10.03
CA MET A 191 1.15 -12.87 -10.13
C MET A 191 1.13 -13.48 -8.72
N GLU A 192 0.67 -14.73 -8.65
CA GLU A 192 0.65 -15.44 -7.37
C GLU A 192 2.02 -15.40 -6.71
N GLY A 193 2.04 -15.10 -5.42
CA GLY A 193 3.29 -15.01 -4.70
C GLY A 193 3.94 -13.63 -4.68
N ASN A 194 3.46 -12.70 -5.51
CA ASN A 194 3.99 -11.34 -5.49
C ASN A 194 3.79 -10.71 -4.11
N VAL A 195 4.79 -9.94 -3.67
CA VAL A 195 4.77 -9.26 -2.38
C VAL A 195 5.08 -7.78 -2.58
N THR A 196 4.28 -6.94 -1.97
CA THR A 196 4.62 -5.53 -1.82
C THR A 196 5.12 -5.32 -0.41
N PRO A 197 6.40 -5.02 -0.22
CA PRO A 197 6.94 -4.91 1.13
C PRO A 197 6.34 -3.75 1.91
N ALA A 198 6.41 -3.91 3.23
CA ALA A 198 5.85 -2.98 4.19
C ALA A 198 6.22 -1.53 3.90
N HIS A 199 5.20 -0.67 3.87
CA HIS A 199 5.35 0.76 3.70
C HIS A 199 4.10 1.43 4.25
N TYR A 200 4.18 2.75 4.41
CA TYR A 200 2.97 3.51 4.69
C TYR A 200 2.79 4.54 3.58
N ASP A 201 1.54 4.94 3.37
CA ASP A 201 1.22 6.00 2.42
C ASP A 201 0.64 7.20 3.17
N GLU A 202 0.82 8.40 2.59
CA GLU A 202 0.27 9.66 3.12
C GLU A 202 -1.09 10.01 2.50
N GLN A 203 -1.91 9.00 2.21
CA GLN A 203 -3.30 9.21 1.81
C GLN A 203 -4.11 8.10 2.45
N GLN A 204 -5.42 8.36 2.58
CA GLN A 204 -6.38 7.38 3.02
C GLN A 204 -6.69 6.44 1.85
N ASN A 205 -6.98 5.16 2.16
CA ASN A 205 -7.07 4.15 1.11
C ASN A 205 -8.24 3.21 1.41
N PHE A 206 -9.18 3.13 0.47
CA PHE A 206 -10.10 2.00 0.41
C PHE A 206 -9.61 1.04 -0.67
N PHE A 207 -9.21 -0.15 -0.25
CA PHE A 207 -8.50 -1.17 -1.05
C PHE A 207 -9.53 -2.22 -1.47
N ALA A 208 -9.92 -2.21 -2.75
CA ALA A 208 -11.07 -2.98 -3.22
C ALA A 208 -10.61 -4.22 -4.01
N GLN A 209 -10.74 -5.39 -3.39
CA GLN A 209 -10.26 -6.62 -3.99
C GLN A 209 -11.27 -7.13 -5.01
N ILE A 210 -10.76 -7.61 -6.16
CA ILE A 210 -11.58 -7.96 -7.32
C ILE A 210 -11.43 -9.43 -7.70
N LYS A 211 -10.20 -9.93 -7.78
CA LYS A 211 -9.95 -11.29 -8.23
C LYS A 211 -8.81 -11.87 -7.42
N GLY A 212 -8.96 -13.13 -7.03
CA GLY A 212 -7.95 -13.74 -6.18
C GLY A 212 -7.93 -13.17 -4.78
N TYR A 213 -6.89 -13.56 -4.04
CA TYR A 213 -6.76 -13.32 -2.61
C TYR A 213 -5.41 -12.69 -2.27
N LYS A 214 -5.47 -11.67 -1.41
CA LYS A 214 -4.29 -10.97 -0.92
C LYS A 214 -4.30 -10.98 0.60
N ARG A 215 -3.17 -11.39 1.17
CA ARG A 215 -2.94 -11.30 2.59
C ARG A 215 -2.39 -9.92 2.89
N CYS A 216 -3.06 -9.20 3.77
CA CYS A 216 -2.71 -7.83 4.13
C CYS A 216 -2.28 -7.84 5.58
N ILE A 217 -1.06 -7.38 5.85
CA ILE A 217 -0.57 -7.29 7.24
C ILE A 217 -0.31 -5.82 7.54
N LEU A 218 -1.04 -5.26 8.52
CA LEU A 218 -0.96 -3.84 8.84
C LEU A 218 -0.30 -3.64 10.20
N PHE A 219 0.36 -2.48 10.35
CA PHE A 219 1.00 -2.11 11.59
C PHE A 219 0.65 -0.64 11.86
N PRO A 220 0.28 -0.30 13.08
CA PRO A 220 -0.17 1.08 13.33
C PRO A 220 0.99 2.06 13.31
N PRO A 221 0.68 3.35 13.20
CA PRO A 221 1.75 4.34 13.07
C PRO A 221 2.67 4.39 14.28
N ASP A 222 2.23 3.94 15.46
CA ASP A 222 3.11 3.96 16.64
C ASP A 222 4.13 2.85 16.62
N GLN A 223 4.22 2.04 15.56
CA GLN A 223 5.29 1.07 15.40
C GLN A 223 6.39 1.59 14.48
N PHE A 224 6.42 2.91 14.25
CA PHE A 224 7.51 3.53 13.49
C PHE A 224 8.87 3.02 13.97
N GLU A 225 9.04 2.98 15.30
N GLU A 225 9.10 2.98 15.29
CA GLU A 225 10.30 2.62 15.93
CA GLU A 225 10.42 2.62 15.79
C GLU A 225 10.72 1.19 15.63
C GLU A 225 10.77 1.16 15.54
N CYS A 226 9.78 0.32 15.23
CA CYS A 226 10.01 -1.08 14.97
C CYS A 226 10.24 -1.40 13.50
N LEU A 227 9.89 -0.47 12.59
CA LEU A 227 9.85 -0.77 11.18
C LEU A 227 10.86 0.01 10.35
N TYR A 228 11.58 0.95 10.93
CA TYR A 228 12.78 1.50 10.31
C TYR A 228 12.62 1.96 8.86
N PRO A 229 11.78 2.93 8.60
CA PRO A 229 11.72 3.45 7.23
C PRO A 229 13.08 3.97 6.77
N TYR A 230 13.29 3.89 5.47
CA TYR A 230 14.43 4.54 4.84
C TYR A 230 14.41 6.04 5.14
N PRO A 231 15.58 6.69 5.02
CA PRO A 231 15.61 8.16 5.03
C PRO A 231 14.64 8.74 4.01
N VAL A 232 14.08 9.91 4.35
CA VAL A 232 13.09 10.57 3.48
C VAL A 232 13.61 10.81 2.07
N HIS A 233 14.91 11.13 1.93
CA HIS A 233 15.45 11.43 0.60
C HIS A 233 15.87 10.19 -0.18
N HIS A 234 15.85 9.02 0.44
CA HIS A 234 16.16 7.80 -0.27
C HIS A 234 15.01 7.43 -1.21
N PRO A 235 15.32 6.79 -2.35
CA PRO A 235 14.24 6.34 -3.25
C PRO A 235 13.15 5.52 -2.58
N CYS A 236 13.49 4.79 -1.53
CA CYS A 236 12.53 3.96 -0.80
C CYS A 236 11.98 4.66 0.44
N ASP A 237 11.92 5.99 0.42
CA ASP A 237 11.11 6.75 1.38
C ASP A 237 9.77 6.07 1.62
N ARG A 238 9.40 5.97 2.90
CA ARG A 238 8.13 5.40 3.42
C ARG A 238 8.11 3.88 3.41
N GLN A 239 9.12 3.21 2.88
CA GLN A 239 9.16 1.76 2.93
C GLN A 239 10.07 1.33 4.10
N SER A 240 9.76 0.17 4.66
CA SER A 240 10.58 -0.39 5.72
C SER A 240 11.90 -0.92 5.17
N GLN A 241 12.99 -0.65 5.90
CA GLN A 241 14.27 -1.25 5.56
C GLN A 241 14.37 -2.71 5.95
N VAL A 242 13.46 -3.22 6.79
CA VAL A 242 13.62 -4.57 7.30
C VAL A 242 13.26 -5.56 6.20
N ASP A 243 14.14 -6.54 5.97
CA ASP A 243 13.81 -7.67 5.10
C ASP A 243 12.95 -8.65 5.89
N PHE A 244 11.65 -8.68 5.60
CA PHE A 244 10.76 -9.51 6.40
C PHE A 244 11.13 -11.00 6.28
N ASP A 245 11.76 -11.39 5.18
CA ASP A 245 12.18 -12.77 4.99
C ASP A 245 13.47 -13.10 5.73
N ASN A 246 14.27 -12.10 6.11
CA ASN A 246 15.52 -12.34 6.84
C ASN A 246 15.83 -11.11 7.69
N PRO A 247 15.10 -10.92 8.78
CA PRO A 247 15.22 -9.65 9.52
C PRO A 247 16.59 -9.56 10.20
N ASP A 248 17.23 -8.42 10.04
CA ASP A 248 18.54 -8.20 10.67
C ASP A 248 18.30 -7.55 12.03
N TYR A 249 18.30 -8.37 13.09
CA TYR A 249 17.98 -7.84 14.41
C TYR A 249 19.11 -7.02 15.03
N GLU A 250 20.34 -7.12 14.51
CA GLU A 250 21.41 -6.26 14.97
C GLU A 250 21.22 -4.82 14.50
N ARG A 251 20.82 -4.62 13.24
CA ARG A 251 20.52 -3.27 12.80
C ARG A 251 19.13 -2.82 13.22
N PHE A 252 18.18 -3.75 13.31
CA PHE A 252 16.77 -3.39 13.52
C PHE A 252 16.23 -4.12 14.74
N PRO A 253 16.76 -3.81 15.92
CA PRO A 253 16.42 -4.63 17.11
C PRO A 253 14.95 -4.55 17.48
N ASN A 254 14.29 -3.41 17.30
CA ASN A 254 12.89 -3.33 17.68
C ASN A 254 11.95 -3.98 16.69
N PHE A 255 12.45 -4.55 15.60
CA PHE A 255 11.57 -5.40 14.79
C PHE A 255 11.18 -6.67 15.57
N GLN A 256 11.93 -7.01 16.63
CA GLN A 256 11.55 -8.10 17.53
C GLN A 256 10.30 -7.78 18.33
N ASN A 257 9.83 -6.55 18.26
CA ASN A 257 8.67 -6.10 19.00
C ASN A 257 7.48 -5.81 18.10
N VAL A 258 7.58 -6.02 16.80
CA VAL A 258 6.48 -5.64 15.90
C VAL A 258 5.32 -6.64 16.06
N VAL A 259 4.09 -6.13 15.94
CA VAL A 259 2.88 -6.94 16.04
C VAL A 259 1.91 -6.46 14.95
N GLY A 260 1.44 -7.37 14.13
CA GLY A 260 0.64 -7.00 12.97
C GLY A 260 -0.85 -7.22 13.17
N TYR A 261 -1.62 -6.59 12.27
CA TYR A 261 -3.06 -6.79 12.15
C TYR A 261 -3.27 -7.40 10.77
N GLU A 262 -3.86 -8.58 10.71
CA GLU A 262 -3.77 -9.41 9.52
C GLU A 262 -5.15 -9.72 8.99
N THR A 263 -5.27 -9.83 7.66
CA THR A 263 -6.48 -10.38 7.06
C THR A 263 -6.13 -10.91 5.68
N VAL A 264 -7.03 -11.72 5.13
CA VAL A 264 -6.97 -12.08 3.70
C VAL A 264 -8.25 -11.56 3.04
N VAL A 265 -8.09 -10.68 2.05
CA VAL A 265 -9.26 -10.14 1.34
C VAL A 265 -9.43 -10.93 0.06
N GLY A 266 -10.69 -11.17 -0.29
CA GLY A 266 -11.02 -11.77 -1.56
C GLY A 266 -12.02 -10.92 -2.32
N PRO A 267 -12.46 -11.45 -3.46
CA PRO A 267 -13.40 -10.68 -4.31
C PRO A 267 -14.56 -10.12 -3.54
N GLY A 268 -14.79 -8.81 -3.71
CA GLY A 268 -15.90 -8.14 -3.08
C GLY A 268 -15.57 -7.51 -1.73
N ASP A 269 -14.42 -7.84 -1.13
CA ASP A 269 -14.01 -7.24 0.13
C ASP A 269 -13.34 -5.89 -0.10
N VAL A 270 -13.47 -5.01 0.88
CA VAL A 270 -12.85 -3.69 0.86
C VAL A 270 -12.14 -3.51 2.19
N LEU A 271 -10.83 -3.29 2.15
CA LEU A 271 -10.04 -3.03 3.35
C LEU A 271 -9.78 -1.54 3.46
N TYR A 272 -10.16 -0.94 4.59
CA TYR A 272 -9.76 0.43 4.87
C TYR A 272 -8.33 0.40 5.41
N ILE A 273 -7.39 0.97 4.65
CA ILE A 273 -6.01 1.12 5.11
C ILE A 273 -5.82 2.57 5.51
N PRO A 274 -5.86 2.90 6.80
CA PRO A 274 -5.81 4.32 7.17
C PRO A 274 -4.44 4.92 6.86
N MET A 275 -4.49 6.21 6.51
CA MET A 275 -3.30 7.00 6.28
C MET A 275 -2.29 6.77 7.41
N TYR A 276 -1.01 6.61 7.04
CA TYR A 276 0.15 6.38 7.89
C TYR A 276 0.25 4.95 8.40
N TRP A 277 -0.76 4.10 8.25
CA TRP A 277 -0.63 2.72 8.67
C TRP A 277 0.28 1.96 7.73
N TRP A 278 1.26 1.27 8.32
CA TRP A 278 2.11 0.39 7.55
C TRP A 278 1.30 -0.75 6.99
N HIS A 279 1.65 -1.21 5.80
CA HIS A 279 0.99 -2.40 5.27
C HIS A 279 1.93 -3.16 4.34
N HIS A 280 1.89 -4.47 4.53
CA HIS A 280 2.58 -5.49 3.75
C HIS A 280 1.49 -6.29 3.04
N ILE A 281 1.60 -6.46 1.73
CA ILE A 281 0.53 -7.06 0.92
C ILE A 281 1.12 -8.18 0.09
N GLU A 282 0.53 -9.37 0.16
CA GLU A 282 1.02 -10.46 -0.69
C GLU A 282 -0.13 -11.19 -1.37
N SER A 283 0.08 -11.51 -2.65
CA SER A 283 -0.84 -12.34 -3.41
C SER A 283 -0.59 -13.81 -3.06
N LEU A 284 -1.63 -14.53 -2.66
CA LEU A 284 -1.44 -15.85 -2.06
C LEU A 284 -0.66 -16.78 -3.00
N LEU A 285 0.24 -17.54 -2.39
CA LEU A 285 0.96 -18.57 -3.13
C LEU A 285 -0.01 -19.53 -3.79
N ASN A 286 0.28 -19.90 -5.03
CA ASN A 286 -0.55 -20.84 -5.80
C ASN A 286 -2.00 -20.40 -5.92
N GLY A 287 -2.30 -19.11 -5.79
CA GLY A 287 -3.66 -18.63 -5.86
C GLY A 287 -4.06 -18.00 -7.18
N GLY A 288 -3.21 -18.04 -8.20
CA GLY A 288 -3.52 -17.39 -9.46
C GLY A 288 -3.32 -15.89 -9.40
N ILE A 289 -3.72 -15.21 -10.48
CA ILE A 289 -3.48 -13.77 -10.55
C ILE A 289 -4.43 -13.06 -9.59
N THR A 290 -4.02 -11.90 -9.13
CA THR A 290 -4.86 -11.06 -8.29
C THR A 290 -5.13 -9.76 -9.00
N ILE A 291 -6.31 -9.21 -8.74
CA ILE A 291 -6.69 -7.91 -9.26
C ILE A 291 -7.27 -7.11 -8.11
N THR A 292 -6.79 -5.88 -7.95
CA THR A 292 -7.28 -4.95 -6.95
C THR A 292 -7.41 -3.59 -7.61
N VAL A 293 -8.36 -2.78 -7.12
CA VAL A 293 -8.39 -1.35 -7.43
C VAL A 293 -8.41 -0.60 -6.11
N ASN A 294 -7.47 0.33 -5.91
CA ASN A 294 -7.52 1.13 -4.69
C ASN A 294 -8.17 2.48 -4.99
N PHE A 295 -8.44 3.20 -3.89
CA PHE A 295 -9.10 4.50 -3.87
C PHE A 295 -8.27 5.35 -2.89
N TRP A 296 -7.44 6.25 -3.40
CA TRP A 296 -6.56 7.07 -2.57
C TRP A 296 -7.17 8.46 -2.40
N TYR A 297 -7.39 8.87 -1.15
CA TYR A 297 -7.92 10.19 -0.82
C TYR A 297 -6.92 11.00 0.01
N LYS A 298 -6.82 12.27 -0.30
CA LYS A 298 -6.04 13.14 0.58
C LYS A 298 -6.67 13.18 1.97
N GLY A 299 -5.81 13.22 2.98
CA GLY A 299 -6.29 13.29 4.34
C GLY A 299 -6.88 14.64 4.68
N ALA A 300 -7.63 14.65 5.77
CA ALA A 300 -8.17 15.90 6.29
C ALA A 300 -7.05 16.86 6.66
N PRO A 301 -7.30 18.17 6.67
CA PRO A 301 -6.25 19.13 7.04
C PRO A 301 -5.87 19.03 8.50
N THR A 302 -4.70 19.57 8.81
CA THR A 302 -4.31 19.76 10.20
C THR A 302 -5.42 20.50 10.93
N PRO A 303 -5.80 20.07 12.14
CA PRO A 303 -6.86 20.80 12.86
C PRO A 303 -6.42 22.19 13.27
N LYS A 304 -7.43 23.04 13.47
CA LYS A 304 -7.20 24.42 13.88
C LYS A 304 -6.51 24.49 15.23
N ARG A 305 -6.98 23.72 16.19
CA ARG A 305 -6.39 23.65 17.52
C ARG A 305 -5.68 22.32 17.68
N ILE A 306 -4.44 22.35 18.15
CA ILE A 306 -3.66 21.14 18.33
C ILE A 306 -3.86 20.66 19.76
N GLU A 307 -4.09 19.36 19.91
CA GLU A 307 -4.26 18.74 21.22
C GLU A 307 -3.00 17.99 21.59
N TYR A 308 -2.58 18.13 22.83
CA TYR A 308 -1.40 17.48 23.36
C TYR A 308 -1.79 16.43 24.38
N PRO A 309 -0.99 15.34 24.50
CA PRO A 309 0.17 15.08 23.66
C PRO A 309 -0.21 14.64 22.25
N LEU A 310 0.71 14.77 21.30
CA LEU A 310 0.38 14.52 19.91
C LEU A 310 0.16 13.02 19.66
N LYS A 311 -0.60 12.73 18.61
CA LYS A 311 -0.72 11.37 18.13
C LYS A 311 0.52 10.90 17.39
N ALA A 312 0.66 9.58 17.30
CA ALA A 312 1.79 9.00 16.58
C ALA A 312 1.89 9.55 15.15
N HIS A 313 0.76 9.66 14.43
CA HIS A 313 0.88 10.09 13.03
C HIS A 313 1.33 11.55 12.96
N GLN A 314 1.04 12.35 13.98
CA GLN A 314 1.53 13.72 14.01
C GLN A 314 3.03 13.78 14.20
N LYS A 315 3.57 12.93 15.07
CA LYS A 315 5.01 12.87 15.24
C LYS A 315 5.69 12.36 13.98
N VAL A 316 5.07 11.41 13.27
CA VAL A 316 5.63 10.98 11.99
C VAL A 316 5.67 12.15 11.02
N ALA A 317 4.59 12.92 10.94
CA ALA A 317 4.58 14.11 10.07
C ALA A 317 5.70 15.09 10.43
N ILE A 318 5.92 15.31 11.72
CA ILE A 318 7.00 16.20 12.16
C ILE A 318 8.35 15.65 11.72
N MET A 319 8.61 14.37 11.99
CA MET A 319 9.90 13.79 11.64
C MET A 319 10.17 13.92 10.14
N ARG A 320 9.18 13.61 9.30
CA ARG A 320 9.36 13.77 7.87
C ARG A 320 9.74 15.21 7.54
N ASN A 321 9.05 16.18 8.13
CA ASN A 321 9.33 17.57 7.79
C ASN A 321 10.71 17.99 8.26
N ILE A 322 11.16 17.50 9.42
CA ILE A 322 12.52 17.84 9.88
C ILE A 322 13.54 17.33 8.87
N GLU A 323 13.36 16.10 8.41
CA GLU A 323 14.29 15.56 7.43
C GLU A 323 14.26 16.36 6.13
N LYS A 324 13.07 16.75 5.67
CA LYS A 324 12.98 17.54 4.45
C LYS A 324 13.65 18.90 4.62
N MET A 325 13.37 19.58 5.73
CA MET A 325 13.93 20.92 5.92
C MET A 325 15.45 20.89 6.04
N LEU A 326 15.99 19.89 6.75
CA LEU A 326 17.44 19.78 6.87
C LEU A 326 18.10 19.50 5.53
N GLY A 327 17.51 18.58 4.75
CA GLY A 327 18.02 18.35 3.41
C GLY A 327 18.08 19.61 2.59
N GLU A 328 17.04 20.44 2.68
CA GLU A 328 17.06 21.71 1.97
C GLU A 328 18.07 22.68 2.56
N ALA A 329 18.07 22.84 3.88
CA ALA A 329 18.93 23.86 4.47
C ALA A 329 20.40 23.50 4.32
N LEU A 330 20.74 22.23 4.46
CA LEU A 330 22.14 21.83 4.32
C LEU A 330 22.60 21.75 2.88
N GLY A 331 21.69 21.83 1.92
CA GLY A 331 22.08 21.85 0.53
C GLY A 331 22.40 20.50 -0.06
N ASN A 332 22.27 19.43 0.72
CA ASN A 332 22.65 18.10 0.27
C ASN A 332 21.99 17.09 1.20
N PRO A 333 21.16 16.18 0.68
CA PRO A 333 20.47 15.26 1.59
C PRO A 333 21.40 14.31 2.30
N GLN A 334 22.62 14.10 1.80
CA GLN A 334 23.57 13.23 2.48
C GLN A 334 24.11 13.84 3.76
N GLU A 335 23.97 15.15 3.93
CA GLU A 335 24.44 15.75 5.18
C GLU A 335 23.41 15.65 6.31
N VAL A 336 22.21 15.12 6.05
CA VAL A 336 21.18 15.06 7.08
C VAL A 336 21.59 14.13 8.22
N GLY A 337 22.02 12.91 7.90
CA GLY A 337 22.41 11.96 8.92
C GLY A 337 23.54 12.46 9.82
N PRO A 338 24.64 12.94 9.23
CA PRO A 338 25.73 13.45 10.07
C PRO A 338 25.31 14.59 10.99
N LEU A 339 24.46 15.50 10.51
CA LEU A 339 23.98 16.55 11.40
C LEU A 339 23.11 16.01 12.51
N LEU A 340 22.16 15.11 12.18
CA LEU A 340 21.33 14.51 13.24
C LEU A 340 22.17 13.79 14.28
N ASN A 341 23.17 13.02 13.84
CA ASN A 341 24.03 12.34 14.81
C ASN A 341 24.80 13.33 15.69
N THR A 342 25.35 14.36 15.07
CA THR A 342 26.03 15.39 15.85
C THR A 342 25.10 15.99 16.90
N MET A 343 23.83 16.16 16.55
N MET A 343 23.83 16.19 16.55
CA MET A 343 22.86 16.78 17.46
CA MET A 343 22.89 16.77 17.51
C MET A 343 22.53 15.89 18.65
C MET A 343 22.66 15.87 18.71
N ILE A 344 22.55 14.56 18.48
CA ILE A 344 22.12 13.66 19.55
C ILE A 344 23.24 13.06 20.36
N LYS A 345 24.39 12.78 19.75
CA LYS A 345 25.37 11.95 20.45
C LYS A 345 25.89 12.65 21.68
N GLY A 346 25.77 11.99 22.85
CA GLY A 346 26.21 12.55 24.09
C GLY A 346 25.37 13.71 24.59
N ARG A 347 24.27 13.99 23.93
CA ARG A 347 23.37 15.10 24.25
C ARG A 347 21.96 14.62 24.53
N TYR A 348 21.42 13.76 23.69
CA TYR A 348 20.09 13.20 23.88
C TYR A 348 20.05 11.65 23.89
N ASN A 349 21.18 10.97 23.77
CA ASN A 349 21.12 9.49 23.69
C ASN A 349 21.72 8.76 24.88
N GLU B 3 2.72 29.11 14.06
CA GLU B 3 3.12 28.98 12.67
C GLU B 3 4.12 27.83 12.49
N VAL B 4 5.20 27.88 13.28
CA VAL B 4 6.21 26.82 13.21
C VAL B 4 5.57 25.47 13.49
N VAL B 5 4.67 25.41 14.47
CA VAL B 5 4.04 24.14 14.81
C VAL B 5 3.23 23.63 13.64
N LYS B 6 2.48 24.52 12.99
CA LYS B 6 1.66 24.04 11.88
C LYS B 6 2.53 23.69 10.68
N LEU B 7 3.65 24.39 10.50
CA LEU B 7 4.60 24.00 9.47
C LEU B 7 5.08 22.57 9.68
N LEU B 8 5.52 22.24 10.90
CA LEU B 8 6.06 20.92 11.16
C LEU B 8 4.98 19.84 11.14
N LEU B 9 3.73 20.19 11.47
CA LEU B 9 2.67 19.19 11.43
C LEU B 9 2.08 18.91 10.05
N GLU B 10 2.44 19.70 9.03
N GLU B 10 2.43 19.71 9.03
CA GLU B 10 1.80 19.58 7.73
CA GLU B 10 1.76 19.58 7.74
C GLU B 10 2.10 18.22 7.10
C GLU B 10 2.09 18.23 7.10
N ALA B 11 1.05 17.49 6.73
CA ALA B 11 1.20 16.21 6.08
C ALA B 11 1.52 16.41 4.61
N GLY B 12 2.32 15.49 4.06
CA GLY B 12 2.43 15.36 2.62
C GLY B 12 1.29 14.50 2.08
N ALA B 13 1.42 14.08 0.82
CA ALA B 13 0.43 13.24 0.15
C ALA B 13 1.06 12.15 -0.72
N ASP B 14 2.29 11.74 -0.40
CA ASP B 14 3.00 10.79 -1.24
C ASP B 14 2.43 9.38 -1.08
N VAL B 15 2.32 8.67 -2.20
CA VAL B 15 1.87 7.28 -2.21
C VAL B 15 2.79 6.49 -3.14
N ASN B 16 2.64 5.16 -3.11
CA ASN B 16 3.43 4.26 -3.94
C ASN B 16 2.89 4.25 -5.39
N ALA B 17 3.10 5.35 -6.09
CA ALA B 17 2.80 5.41 -7.51
C ALA B 17 3.77 6.40 -8.14
N GLN B 18 4.52 5.94 -9.14
CA GLN B 18 5.60 6.72 -9.72
C GLN B 18 5.08 7.96 -10.44
N ASP B 19 5.56 9.12 -10.05
CA ASP B 19 5.30 10.35 -10.80
C ASP B 19 6.14 10.37 -12.06
N LYS B 20 5.55 10.93 -13.13
CA LYS B 20 6.22 11.15 -14.40
C LYS B 20 6.86 12.54 -14.47
ZN ZN C . 0.34 1.24 0.09
S SO4 D . 13.11 -16.57 -16.78
O1 SO4 D . 13.03 -17.28 -18.06
O2 SO4 D . 14.30 -15.73 -16.70
O3 SO4 D . 13.12 -17.53 -15.68
O4 SO4 D . 11.92 -15.72 -16.68
S SO4 E . -1.88 6.89 18.47
O1 SO4 E . -1.87 6.74 17.01
O2 SO4 E . -1.06 8.01 18.92
O3 SO4 E . -1.37 5.67 19.09
O4 SO4 E . -3.27 7.12 18.86
S SO4 F . 4.20 -19.12 -6.11
O1 SO4 F . 4.90 -17.92 -5.68
O2 SO4 F . 4.55 -19.39 -7.50
O3 SO4 F . 4.59 -20.25 -5.28
O4 SO4 F . 2.75 -18.94 -6.01
C01 QW2 G . 0.65 -2.09 -4.26
C02 QW2 G . 1.03 -0.64 -4.11
C03 QW2 G . 1.82 -0.21 -5.34
C04 QW2 G . -1.63 0.39 -1.65
C05 QW2 G . -0.31 -4.20 -3.40
C06 QW2 G . 0.02 -2.73 -2.97
C07 QW2 G . -1.17 -1.91 -2.46
C08 QW2 G . -0.76 -0.70 -1.58
O01 QW2 G . 0.25 -0.79 -0.91
O02 QW2 G . -1.38 1.42 -1.04
O03 QW2 G . -2.76 0.34 -2.32
O04 QW2 G . 0.52 -5.04 -3.68
O05 QW2 G . -1.61 -4.48 -3.49
H04 QW2 G . 1.48 -2.50 -4.52
H05 QW2 G . 0.05 -2.07 -5.01
H06 QW2 G . 0.19 -0.17 -3.98
H07 QW2 G . 1.53 -0.60 -3.28
H08 QW2 G . 1.27 0.51 -5.70
H10 QW2 G . 2.67 0.07 -4.97
H09 QW2 G . 1.84 -1.01 -5.88
H03 QW2 G . 0.53 -2.74 -2.15
H01 QW2 G . -1.79 -2.47 -1.95
H02 QW2 G . -1.73 -1.60 -3.19
#